data_8UYS
#
_entry.id   8UYS
#
_entity_poly.entity_id   1
_entity_poly.type   'polyribonucleotide'
_entity_poly.pdbx_seq_one_letter_code
;GGACACGAGUAACUCGUCUAUCUUCUGCAGGCUGCUUACGGUUUCGUCCGUGUUGCAGCCGAUCAUCAGCACAUCUAGGU
UUCGUCCGGGUGUGACCGAAAGGUAAGAUGGAGAGCCUUGUCCC
;
_entity_poly.pdbx_strand_id   A
#